data_3FGW
#
_entry.id   3FGW
#
_cell.length_a   146.690
_cell.length_b   88.110
_cell.length_c   73.550
_cell.angle_alpha   90.00
_cell.angle_beta   111.10
_cell.angle_gamma   90.00
#
_symmetry.space_group_name_H-M   'C 1 2 1'
#
loop_
_entity.id
_entity.type
_entity.pdbx_description
1 polymer 'Putative phospholipase B-like 2'
2 branched beta-D-mannopyranose-(1-4)-2-acetamido-2-deoxy-beta-D-glucopyranose-(1-4)-2-acetamido-2-deoxy-beta-D-glucopyranose
3 non-polymer 2-acetamido-2-deoxy-beta-D-glucopyranose
4 non-polymer GLYCEROL
5 non-polymer 'IODIDE ION'
6 non-polymer 'SODIUM ION'
7 water water
#
_entity_poly.entity_id   1
_entity_poly.type   'polypeptide(L)'
_entity_poly.pdbx_seq_one_letter_code
;LPTLGPGWQRQNPDPPVSRTRSLLLDAASGQLRLEDGFHPDAVAWANLTNAIRETGWAYLDLSTNGRYNDSLQAYAAGVV
EASVSEELIYMHWMNTVVNYCGPFEYEVGYCEKLKNFLEANLEWMQREMELNPDSPYWHQVRLTLLQLKGLEDSYEGRLT
FPTGRFTIKPLGFLLLQISGDLEDLEPALNKTNTKPSLGSGSCSALIKLLPGGHDLLVAHNTWNSYQNMLRIIKKYRLQF
REGPQEEYPLVAGNNLVFSSYPGTIFSGDDFYILGSGLVTLETTIGNKNPALWKYVQPQGCVLEWIRNVVANRLALDGAT
WADVFKRFNSGTYNNQWMIVDYKAFLPNGPSPGSRVLTILEQIPGMVVVADKTAELYKTTYWASYNIPYFETVFNASGLQ
ALVAQYGDWFSYTKNPRAKIFQRDQSLVEDMDAMVRLMRYNDFLHDPLSLCEACNPKPNAENAISARSDLNPANGSYPFQ
ALHQRAHGGIDVKVTSFTLAKYMSMLAASGPTWDQCPPFQWSKSPFHSMLHMGQPDLWMFSPIRVPWDGRGSHHHHHHG
;
_entity_poly.pdbx_strand_id   A
#
loop_
_chem_comp.id
_chem_comp.type
_chem_comp.name
_chem_comp.formula
BMA D-saccharide, beta linking beta-D-mannopyranose 'C6 H12 O6'
GOL non-polymer GLYCEROL 'C3 H8 O3'
IOD non-polymer 'IODIDE ION' 'I -1'
NA non-polymer 'SODIUM ION' 'Na 1'
NAG D-saccharide, beta linking 2-acetamido-2-deoxy-beta-D-glucopyranose 'C8 H15 N O6'
#
# COMPACT_ATOMS: atom_id res chain seq x y z
N PRO A 15 -18.31 4.40 -13.32
CA PRO A 15 -18.91 3.08 -13.27
C PRO A 15 -20.41 3.14 -12.96
N PRO A 16 -21.12 2.00 -13.00
CA PRO A 16 -22.48 1.98 -12.48
C PRO A 16 -22.45 1.94 -10.95
N VAL A 17 -23.62 1.99 -10.32
CA VAL A 17 -23.74 1.83 -8.87
C VAL A 17 -23.16 0.47 -8.49
N SER A 18 -23.64 -0.59 -9.15
CA SER A 18 -23.10 -1.93 -8.99
C SER A 18 -22.97 -2.64 -10.33
N ARG A 19 -21.89 -3.41 -10.48
CA ARG A 19 -21.62 -4.17 -11.71
C ARG A 19 -21.02 -5.53 -11.36
N THR A 20 -21.52 -6.58 -12.01
CA THR A 20 -21.04 -7.93 -11.76
C THR A 20 -20.61 -8.63 -13.05
N ARG A 21 -19.41 -9.22 -13.01
CA ARG A 21 -18.86 -9.95 -14.15
C ARG A 21 -18.38 -11.34 -13.74
N SER A 22 -18.38 -12.26 -14.69
CA SER A 22 -17.88 -13.62 -14.48
C SER A 22 -17.00 -14.04 -15.65
N LEU A 23 -15.98 -14.86 -15.37
CA LEU A 23 -15.13 -15.40 -16.41
C LEU A 23 -15.23 -16.92 -16.47
N LEU A 24 -15.72 -17.40 -17.61
CA LEU A 24 -15.94 -18.83 -17.80
C LEU A 24 -14.95 -19.43 -18.78
N LEU A 25 -14.56 -20.68 -18.51
CA LEU A 25 -13.81 -21.48 -19.45
C LEU A 25 -14.81 -22.16 -20.38
N ASP A 26 -15.05 -21.51 -21.52
CA ASP A 26 -16.07 -21.96 -22.46
C ASP A 26 -15.59 -23.18 -23.25
N ALA A 27 -16.20 -24.33 -22.97
CA ALA A 27 -15.80 -25.60 -23.58
C ALA A 27 -16.23 -25.72 -25.04
N ALA A 28 -17.10 -24.80 -25.49
CA ALA A 28 -17.52 -24.74 -26.89
C ALA A 28 -16.42 -24.19 -27.81
N SER A 29 -15.35 -23.68 -27.18
CA SER A 29 -14.25 -23.07 -27.92
C SER A 29 -12.89 -23.26 -27.23
N GLY A 30 -12.92 -23.60 -25.94
CA GLY A 30 -11.71 -23.70 -25.12
C GLY A 30 -11.09 -22.35 -24.82
N GLN A 31 -11.92 -21.30 -24.93
CA GLN A 31 -11.47 -19.93 -24.71
C GLN A 31 -12.06 -19.38 -23.41
N LEU A 32 -11.52 -18.24 -22.96
CA LEU A 32 -12.11 -17.48 -21.87
C LEU A 32 -12.98 -16.36 -22.42
N ARG A 33 -14.19 -16.22 -21.88
CA ARG A 33 -15.05 -15.10 -22.22
C ARG A 33 -15.82 -14.55 -21.01
N LEU A 34 -16.08 -13.25 -21.06
CA LEU A 34 -16.75 -12.54 -19.98
C LEU A 34 -18.28 -12.58 -20.08
N GLU A 35 -18.92 -12.62 -18.92
CA GLU A 35 -20.36 -12.59 -18.80
C GLU A 35 -20.79 -11.52 -17.80
N ASP A 36 -22.09 -11.27 -17.70
CA ASP A 36 -22.63 -10.33 -16.74
C ASP A 36 -23.44 -11.05 -15.65
N GLY A 37 -23.11 -10.75 -14.40
CA GLY A 37 -23.77 -11.38 -13.25
C GLY A 37 -22.98 -12.54 -12.68
N PHE A 38 -23.45 -13.06 -11.54
CA PHE A 38 -22.84 -14.21 -10.90
C PHE A 38 -23.10 -15.49 -11.69
N HIS A 39 -22.06 -16.30 -11.85
CA HIS A 39 -22.19 -17.64 -12.44
C HIS A 39 -21.31 -18.62 -11.66
N PRO A 40 -21.93 -19.68 -11.10
CA PRO A 40 -21.30 -20.56 -10.12
C PRO A 40 -20.06 -21.32 -10.61
N ASP A 41 -20.07 -21.79 -11.85
CA ASP A 41 -18.97 -22.59 -12.38
C ASP A 41 -17.93 -21.76 -13.16
N ALA A 42 -17.95 -20.44 -12.95
CA ALA A 42 -16.96 -19.54 -13.53
C ALA A 42 -15.61 -19.72 -12.87
N VAL A 43 -14.54 -19.45 -13.61
CA VAL A 43 -13.18 -19.49 -13.09
C VAL A 43 -13.01 -18.41 -12.00
N ALA A 44 -13.55 -17.23 -12.27
CA ALA A 44 -13.55 -16.12 -11.33
C ALA A 44 -14.73 -15.17 -11.57
N TRP A 45 -15.13 -14.46 -10.53
CA TRP A 45 -16.19 -13.45 -10.63
C TRP A 45 -15.94 -12.27 -9.70
N ALA A 46 -16.27 -11.06 -10.16
CA ALA A 46 -16.05 -9.83 -9.40
C ALA A 46 -17.30 -8.96 -9.34
N ASN A 47 -17.39 -8.15 -8.28
CA ASN A 47 -18.51 -7.25 -8.04
C ASN A 47 -18.02 -5.91 -7.52
N LEU A 48 -18.11 -4.87 -8.35
CA LEU A 48 -17.72 -3.52 -7.93
C LEU A 48 -18.92 -2.63 -7.66
N THR A 49 -19.01 -2.17 -6.40
CA THR A 49 -20.00 -1.18 -6.00
C THR A 49 -19.32 0.18 -5.84
N ASN A 50 -19.73 1.14 -6.68
CA ASN A 50 -19.19 2.50 -6.61
C ASN A 50 -20.01 3.36 -5.65
N ALA A 51 -19.34 3.92 -4.65
CA ALA A 51 -19.96 4.85 -3.72
C ALA A 51 -18.99 5.99 -3.39
N ILE A 52 -18.22 6.39 -4.40
CA ILE A 52 -17.19 7.44 -4.25
C ILE A 52 -17.85 8.80 -3.98
N ARG A 53 -19.06 8.97 -4.49
CA ARG A 53 -19.82 10.20 -4.33
C ARG A 53 -20.39 10.34 -2.91
N GLU A 54 -20.76 9.22 -2.30
CA GLU A 54 -21.38 9.23 -0.98
C GLU A 54 -20.40 9.00 0.16
N THR A 55 -19.45 8.08 -0.04
CA THR A 55 -18.55 7.64 1.03
C THR A 55 -17.07 7.88 0.72
N GLY A 56 -16.75 8.06 -0.56
CA GLY A 56 -15.36 8.24 -1.00
C GLY A 56 -14.67 6.93 -1.30
N TRP A 57 -15.44 5.84 -1.26
CA TRP A 57 -14.91 4.51 -1.49
C TRP A 57 -15.70 3.77 -2.56
N ALA A 58 -14.98 3.01 -3.39
CA ALA A 58 -15.59 1.96 -4.19
C ALA A 58 -15.31 0.63 -3.48
N TYR A 59 -16.13 -0.38 -3.74
CA TYR A 59 -16.01 -1.66 -3.04
C TYR A 59 -15.97 -2.80 -4.03
N LEU A 60 -14.96 -3.65 -3.90
CA LEU A 60 -14.77 -4.77 -4.82
C LEU A 60 -14.65 -6.10 -4.07
N ASP A 61 -15.56 -7.02 -4.40
CA ASP A 61 -15.51 -8.38 -3.87
C ASP A 61 -15.19 -9.33 -5.02
N LEU A 62 -14.04 -9.99 -4.94
CA LEU A 62 -13.57 -10.88 -6.00
C LEU A 62 -13.32 -12.29 -5.48
N SER A 63 -13.78 -13.28 -6.24
CA SER A 63 -13.64 -14.68 -5.85
C SER A 63 -13.24 -15.57 -7.02
N THR A 64 -12.42 -16.58 -6.73
CA THR A 64 -11.98 -17.53 -7.75
C THR A 64 -12.43 -18.95 -7.44
N ASN A 65 -12.61 -19.76 -8.48
CA ASN A 65 -13.08 -21.13 -8.36
C ASN A 65 -11.92 -22.11 -8.11
N GLY A 66 -12.01 -22.86 -7.02
CA GLY A 66 -10.95 -23.77 -6.61
C GLY A 66 -10.96 -25.14 -7.28
N ARG A 67 -11.62 -25.25 -8.43
CA ARG A 67 -11.63 -26.49 -9.19
C ARG A 67 -10.77 -26.34 -10.44
N TYR A 68 -10.29 -25.13 -10.65
CA TYR A 68 -9.33 -24.83 -11.69
C TYR A 68 -7.96 -24.65 -11.05
N ASN A 69 -6.92 -24.75 -11.86
CA ASN A 69 -5.56 -24.51 -11.39
C ASN A 69 -5.31 -23.05 -11.04
N ASP A 70 -4.35 -22.84 -10.15
CA ASP A 70 -4.01 -21.51 -9.62
C ASP A 70 -3.68 -20.52 -10.70
N SER A 71 -2.95 -20.97 -11.72
CA SER A 71 -2.52 -20.13 -12.84
C SER A 71 -3.71 -19.51 -13.57
N LEU A 72 -4.72 -20.32 -13.86
CA LEU A 72 -5.94 -19.86 -14.50
C LEU A 72 -6.77 -19.00 -13.55
N GLN A 73 -6.87 -19.44 -12.30
CA GLN A 73 -7.53 -18.66 -11.25
C GLN A 73 -6.95 -17.25 -11.19
N ALA A 74 -5.62 -17.17 -11.10
CA ALA A 74 -4.89 -15.90 -11.00
C ALA A 74 -5.12 -15.01 -12.21
N TYR A 75 -4.91 -15.57 -13.40
CA TYR A 75 -5.12 -14.82 -14.65
C TYR A 75 -6.56 -14.31 -14.75
N ALA A 76 -7.50 -15.12 -14.28
CA ALA A 76 -8.92 -14.77 -14.27
C ALA A 76 -9.22 -13.64 -13.28
N ALA A 77 -8.61 -13.72 -12.10
CA ALA A 77 -8.78 -12.71 -11.05
C ALA A 77 -8.43 -11.31 -11.53
N GLY A 78 -7.48 -11.21 -12.46
CA GLY A 78 -7.13 -9.95 -13.08
C GLY A 78 -8.17 -9.53 -14.10
N VAL A 79 -8.67 -10.50 -14.86
CA VAL A 79 -9.66 -10.26 -15.91
C VAL A 79 -10.98 -9.70 -15.35
N VAL A 80 -11.56 -10.41 -14.38
CA VAL A 80 -12.84 -9.99 -13.78
C VAL A 80 -12.77 -8.63 -13.09
N GLU A 81 -11.64 -8.36 -12.42
CA GLU A 81 -11.43 -7.09 -11.74
C GLU A 81 -11.45 -5.92 -12.75
N ALA A 82 -10.69 -6.08 -13.82
CA ALA A 82 -10.59 -5.05 -14.87
C ALA A 82 -11.95 -4.75 -15.52
N SER A 83 -12.75 -5.79 -15.71
CA SER A 83 -14.06 -5.67 -16.37
C SER A 83 -15.07 -4.90 -15.53
N VAL A 84 -15.08 -5.14 -14.22
CA VAL A 84 -15.98 -4.44 -13.31
C VAL A 84 -15.53 -3.00 -13.03
N SER A 85 -14.24 -2.73 -13.24
CA SER A 85 -13.67 -1.43 -12.87
C SER A 85 -13.01 -0.65 -14.02
N GLU A 86 -13.45 -0.90 -15.25
CA GLU A 86 -12.89 -0.28 -16.46
C GLU A 86 -12.67 1.24 -16.35
N GLU A 87 -13.75 1.97 -16.08
CA GLU A 87 -13.74 3.43 -16.07
C GLU A 87 -12.82 3.99 -14.99
N LEU A 88 -12.88 3.39 -13.80
CA LEU A 88 -12.04 3.80 -12.68
C LEU A 88 -10.56 3.64 -13.00
N ILE A 89 -10.21 2.49 -13.60
CA ILE A 89 -8.85 2.26 -14.08
C ILE A 89 -8.44 3.35 -15.06
N TYR A 90 -9.32 3.66 -16.02
CA TYR A 90 -9.05 4.71 -17.00
C TYR A 90 -8.80 6.07 -16.32
N MET A 91 -9.70 6.44 -15.41
CA MET A 91 -9.60 7.72 -14.71
C MET A 91 -8.36 7.80 -13.84
N HIS A 92 -8.11 6.74 -13.05
CA HIS A 92 -6.94 6.66 -12.17
C HIS A 92 -5.64 6.73 -12.96
N TRP A 93 -5.59 6.02 -14.09
CA TRP A 93 -4.47 6.09 -15.02
C TRP A 93 -4.28 7.51 -15.53
N MET A 94 -5.38 8.18 -15.89
CA MET A 94 -5.35 9.54 -16.42
C MET A 94 -4.94 10.58 -15.39
N ASN A 95 -5.15 10.27 -14.12
CA ASN A 95 -4.82 11.18 -13.02
C ASN A 95 -3.40 11.01 -12.49
N THR A 96 -2.89 9.78 -12.54
CA THR A 96 -1.63 9.44 -11.89
C THR A 96 -0.44 9.32 -12.84
N VAL A 97 -0.43 8.29 -13.68
CA VAL A 97 0.75 7.94 -14.49
C VAL A 97 0.51 7.93 -16.00
N VAL A 98 -0.28 8.88 -16.49
CA VAL A 98 -0.60 8.95 -17.92
C VAL A 98 0.59 9.42 -18.78
N ASN A 99 1.32 10.42 -18.29
CA ASN A 99 2.44 10.99 -19.04
C ASN A 99 3.83 10.62 -18.51
N TYR A 100 3.87 9.68 -17.57
CA TYR A 100 5.15 9.19 -17.03
C TYR A 100 5.91 8.42 -18.11
N CYS A 101 7.09 8.95 -18.45
CA CYS A 101 7.89 8.45 -19.57
C CYS A 101 7.04 8.25 -20.83
N GLY A 102 6.35 9.30 -21.23
CA GLY A 102 5.58 9.31 -22.47
C GLY A 102 6.51 9.49 -23.66
N PRO A 103 5.96 9.66 -24.86
CA PRO A 103 6.81 9.82 -26.05
C PRO A 103 7.53 11.16 -26.04
N PHE A 104 7.55 11.83 -24.88
CA PHE A 104 8.04 13.20 -24.77
C PHE A 104 8.99 13.45 -23.63
N GLU A 105 9.04 12.52 -22.67
CA GLU A 105 9.78 12.75 -21.44
C GLU A 105 11.05 13.58 -21.66
N TYR A 106 11.18 14.66 -20.90
CA TYR A 106 12.37 15.50 -20.95
C TYR A 106 13.63 14.71 -20.64
N GLU A 107 13.55 13.89 -19.60
CA GLU A 107 14.68 13.08 -19.14
C GLU A 107 14.74 11.79 -19.95
N VAL A 108 15.13 11.91 -21.22
CA VAL A 108 15.18 10.77 -22.14
C VAL A 108 16.25 9.75 -21.75
N GLY A 109 17.22 10.19 -20.95
CA GLY A 109 18.25 9.31 -20.41
C GLY A 109 17.67 8.36 -19.39
N TYR A 110 16.91 8.90 -18.44
CA TYR A 110 16.28 8.12 -17.38
C TYR A 110 15.29 7.08 -17.89
N CYS A 111 14.38 7.51 -18.77
CA CYS A 111 13.31 6.63 -19.27
C CYS A 111 13.82 5.42 -20.05
N GLU A 112 14.92 5.61 -20.77
CA GLU A 112 15.62 4.51 -21.44
C GLU A 112 16.17 3.53 -20.40
N LYS A 113 16.80 4.07 -19.36
CA LYS A 113 17.38 3.26 -18.29
C LYS A 113 16.31 2.49 -17.51
N LEU A 114 15.14 3.10 -17.33
CA LEU A 114 14.02 2.47 -16.65
C LEU A 114 13.37 1.37 -17.50
N LYS A 115 13.27 1.62 -18.81
CA LYS A 115 12.75 0.64 -19.75
C LYS A 115 13.64 -0.59 -19.80
N ASN A 116 14.96 -0.38 -19.77
CA ASN A 116 15.94 -1.45 -19.76
C ASN A 116 15.93 -2.23 -18.45
N PHE A 117 15.87 -1.51 -17.32
CA PHE A 117 15.84 -2.11 -15.99
C PHE A 117 14.65 -3.05 -15.81
N LEU A 118 13.47 -2.57 -16.19
CA LEU A 118 12.24 -3.32 -16.00
C LEU A 118 12.11 -4.53 -16.93
N GLU A 119 12.52 -4.36 -18.18
CA GLU A 119 12.57 -5.47 -19.14
C GLU A 119 13.55 -6.55 -18.70
N ALA A 120 14.72 -6.13 -18.24
CA ALA A 120 15.73 -7.05 -17.72
C ALA A 120 15.26 -7.75 -16.45
N ASN A 121 14.54 -7.01 -15.61
CA ASN A 121 13.97 -7.53 -14.37
C ASN A 121 12.86 -8.55 -14.60
N LEU A 122 11.90 -8.19 -15.45
CA LEU A 122 10.78 -9.07 -15.78
C LEU A 122 11.28 -10.36 -16.43
N GLU A 123 12.27 -10.23 -17.31
CA GLU A 123 12.89 -11.37 -17.97
C GLU A 123 13.61 -12.28 -16.97
N TRP A 124 14.31 -11.67 -16.01
CA TRP A 124 14.99 -12.43 -14.97
C TRP A 124 14.02 -13.30 -14.18
N MET A 125 12.85 -12.74 -13.87
CA MET A 125 11.80 -13.47 -13.18
C MET A 125 11.29 -14.64 -14.02
N GLN A 126 11.11 -14.39 -15.32
CA GLN A 126 10.64 -15.42 -16.26
C GLN A 126 11.58 -16.62 -16.32
N ARG A 127 12.88 -16.34 -16.33
CA ARG A 127 13.90 -17.39 -16.36
C ARG A 127 13.87 -18.21 -15.06
N GLU A 128 13.75 -17.53 -13.92
CA GLU A 128 13.69 -18.18 -12.62
C GLU A 128 12.52 -19.16 -12.53
N MET A 129 11.38 -18.74 -13.07
CA MET A 129 10.19 -19.58 -13.15
C MET A 129 10.47 -20.81 -14.04
N GLU A 130 11.16 -20.56 -15.15
CA GLU A 130 11.47 -21.61 -16.13
C GLU A 130 12.47 -22.62 -15.59
N LEU A 131 13.33 -22.17 -14.67
CA LEU A 131 14.37 -23.03 -14.09
C LEU A 131 13.94 -23.66 -12.76
N ASN A 132 12.80 -23.22 -12.23
CA ASN A 132 12.32 -23.72 -10.94
C ASN A 132 10.82 -24.04 -10.95
N PRO A 133 10.41 -25.05 -11.74
CA PRO A 133 8.98 -25.35 -11.90
C PRO A 133 8.35 -25.98 -10.66
N ASP A 134 9.18 -26.46 -9.73
CA ASP A 134 8.69 -27.13 -8.52
C ASP A 134 8.74 -26.25 -7.26
N SER A 135 9.26 -25.03 -7.40
CA SER A 135 9.45 -24.13 -6.25
C SER A 135 8.18 -23.33 -5.94
N PRO A 136 7.70 -23.42 -4.67
CA PRO A 136 6.58 -22.65 -4.17
C PRO A 136 6.73 -21.15 -4.36
N TYR A 137 7.88 -20.60 -3.94
CA TYR A 137 8.13 -19.16 -4.02
C TYR A 137 7.95 -18.58 -5.42
N TRP A 138 8.54 -19.24 -6.41
CA TRP A 138 8.43 -18.77 -7.80
C TRP A 138 7.07 -19.08 -8.41
N HIS A 139 6.38 -20.06 -7.84
CA HIS A 139 4.99 -20.32 -8.20
C HIS A 139 4.13 -19.16 -7.74
N GLN A 140 4.44 -18.62 -6.56
CA GLN A 140 3.70 -17.49 -5.99
C GLN A 140 3.91 -16.19 -6.76
N VAL A 141 5.11 -15.99 -7.29
CA VAL A 141 5.42 -14.81 -8.10
C VAL A 141 4.67 -14.90 -9.44
N ARG A 142 4.65 -16.09 -10.03
CA ARG A 142 3.97 -16.31 -11.30
C ARG A 142 2.49 -16.01 -11.23
N LEU A 143 1.84 -16.45 -10.15
CA LEU A 143 0.42 -16.15 -9.91
C LEU A 143 0.16 -14.65 -9.87
N THR A 144 1.03 -13.94 -9.15
CA THR A 144 0.97 -12.48 -9.05
C THR A 144 1.12 -11.84 -10.43
N LEU A 145 2.11 -12.29 -11.20
CA LEU A 145 2.38 -11.73 -12.53
C LEU A 145 1.29 -12.11 -13.54
N LEU A 146 0.73 -13.30 -13.38
CA LEU A 146 -0.40 -13.74 -14.22
C LEU A 146 -1.64 -12.89 -13.98
N GLN A 147 -1.85 -12.47 -12.73
CA GLN A 147 -2.97 -11.62 -12.38
C GLN A 147 -2.83 -10.24 -13.02
N LEU A 148 -1.60 -9.71 -13.02
CA LEU A 148 -1.29 -8.46 -13.71
C LEU A 148 -1.50 -8.61 -15.21
N LYS A 149 -1.13 -9.77 -15.74
CA LYS A 149 -1.34 -10.08 -17.15
C LYS A 149 -2.84 -10.04 -17.46
N GLY A 150 -3.62 -10.68 -16.60
CA GLY A 150 -5.08 -10.72 -16.72
C GLY A 150 -5.69 -9.34 -16.73
N LEU A 151 -5.36 -8.54 -15.73
CA LEU A 151 -5.80 -7.15 -15.62
C LEU A 151 -5.59 -6.40 -16.93
N GLU A 152 -4.37 -6.48 -17.46
CA GLU A 152 -3.99 -5.78 -18.70
C GLU A 152 -4.74 -6.31 -19.93
N ASP A 153 -4.65 -7.61 -20.17
CA ASP A 153 -5.31 -8.25 -21.31
C ASP A 153 -6.82 -8.02 -21.34
N SER A 154 -7.43 -8.01 -20.15
CA SER A 154 -8.88 -7.78 -20.01
C SER A 154 -9.26 -6.36 -20.39
N TYR A 155 -8.49 -5.39 -19.88
CA TYR A 155 -8.69 -3.98 -20.20
C TYR A 155 -8.47 -3.72 -21.69
N GLU A 156 -7.56 -4.48 -22.28
CA GLU A 156 -7.28 -4.39 -23.71
C GLU A 156 -8.31 -5.15 -24.54
N GLY A 157 -9.13 -5.97 -23.88
CA GLY A 157 -10.26 -6.65 -24.50
C GLY A 157 -9.90 -7.85 -25.38
N ARG A 158 -8.71 -8.42 -25.16
CA ARG A 158 -8.27 -9.59 -25.92
C ARG A 158 -7.62 -10.61 -24.99
N LEU A 159 -8.42 -11.57 -24.54
CA LEU A 159 -7.95 -12.60 -23.61
C LEU A 159 -7.05 -13.63 -24.27
N THR A 160 -6.02 -14.06 -23.53
CA THR A 160 -5.00 -14.97 -24.04
C THR A 160 -4.20 -15.57 -22.87
N PHE A 161 -4.69 -16.69 -22.34
CA PHE A 161 -4.07 -17.35 -21.18
C PHE A 161 -2.76 -18.04 -21.54
N PRO A 162 -1.64 -17.55 -20.98
CA PRO A 162 -0.33 -18.15 -21.27
C PRO A 162 -0.11 -19.45 -20.49
N THR A 163 0.29 -20.50 -21.21
CA THR A 163 0.52 -21.82 -20.62
C THR A 163 1.95 -21.93 -20.07
N GLY A 164 2.89 -21.22 -20.69
CA GLY A 164 4.27 -21.19 -20.24
C GLY A 164 4.78 -19.79 -19.98
N ARG A 165 5.78 -19.37 -20.76
CA ARG A 165 6.39 -18.04 -20.65
C ARG A 165 5.46 -16.96 -21.21
N PHE A 166 5.53 -15.77 -20.63
CA PHE A 166 4.71 -14.64 -21.07
C PHE A 166 5.39 -13.29 -20.80
N THR A 167 5.03 -12.29 -21.60
CA THR A 167 5.63 -10.96 -21.52
C THR A 167 4.70 -9.92 -20.89
N ILE A 168 5.21 -9.23 -19.87
CA ILE A 168 4.51 -8.10 -19.27
C ILE A 168 5.11 -6.79 -19.77
N LYS A 169 4.25 -5.92 -20.29
CA LYS A 169 4.65 -4.65 -20.87
C LYS A 169 5.17 -3.69 -19.78
N PRO A 170 6.42 -3.21 -19.93
CA PRO A 170 7.12 -2.39 -18.93
C PRO A 170 6.34 -1.17 -18.44
N LEU A 171 5.73 -0.44 -19.37
CA LEU A 171 5.03 0.81 -19.04
C LEU A 171 3.51 0.70 -19.22
N GLY A 172 2.99 -0.51 -19.06
CA GLY A 172 1.55 -0.75 -19.05
C GLY A 172 1.02 -0.60 -17.65
N PHE A 173 0.21 -1.56 -17.20
CA PHE A 173 -0.33 -1.51 -15.84
C PHE A 173 0.71 -1.86 -14.77
N LEU A 174 1.97 -1.96 -15.18
CA LEU A 174 3.06 -2.19 -14.24
C LEU A 174 3.36 -0.95 -13.41
N LEU A 175 3.34 0.23 -14.03
CA LEU A 175 3.65 1.45 -13.30
C LEU A 175 2.50 1.98 -12.43
N LEU A 176 1.41 1.24 -12.41
CA LEU A 176 0.38 1.40 -11.38
C LEU A 176 0.79 0.61 -10.14
N GLN A 177 1.57 -0.45 -10.35
CA GLN A 177 2.01 -1.34 -9.25
C GLN A 177 3.35 -0.88 -8.68
N ILE A 178 4.22 -0.37 -9.54
CA ILE A 178 5.56 0.04 -9.13
C ILE A 178 5.60 1.51 -8.69
N SER A 179 4.42 2.13 -8.58
CA SER A 179 4.28 3.52 -8.16
C SER A 179 5.13 3.83 -6.92
N GLY A 180 5.09 2.93 -5.93
CA GLY A 180 5.89 3.05 -4.72
C GLY A 180 7.35 2.73 -4.94
N ASP A 181 7.61 1.70 -5.75
CA ASP A 181 8.97 1.29 -6.11
C ASP A 181 9.73 2.38 -6.87
N LEU A 182 8.98 3.23 -7.57
CA LEU A 182 9.57 4.28 -8.41
C LEU A 182 10.25 5.40 -7.64
N GLU A 183 9.83 5.60 -6.39
CA GLU A 183 10.43 6.63 -5.52
C GLU A 183 11.90 6.34 -5.21
N ASP A 184 12.30 5.08 -5.39
CA ASP A 184 13.68 4.65 -5.16
C ASP A 184 14.42 4.33 -6.45
N LEU A 185 13.68 4.02 -7.51
CA LEU A 185 14.27 3.72 -8.82
C LEU A 185 14.80 4.96 -9.52
N GLU A 186 14.12 6.09 -9.36
CA GLU A 186 14.52 7.36 -9.97
C GLU A 186 15.89 7.84 -9.48
N PRO A 187 16.09 7.96 -8.15
CA PRO A 187 17.41 8.35 -7.65
C PRO A 187 18.47 7.30 -7.95
N ALA A 188 18.08 6.04 -8.01
CA ALA A 188 18.99 4.94 -8.33
C ALA A 188 19.47 5.01 -9.78
N LEU A 189 18.60 5.50 -10.66
CA LEU A 189 18.91 5.60 -12.09
C LEU A 189 19.24 7.04 -12.50
N ASN A 190 19.68 7.84 -11.52
CA ASN A 190 20.10 9.23 -11.71
C ASN A 190 19.11 10.16 -12.40
N LYS A 191 17.83 10.04 -12.06
CA LYS A 191 16.85 11.04 -12.45
C LYS A 191 17.04 12.25 -11.56
N THR A 192 17.12 13.43 -12.17
CA THR A 192 17.19 14.67 -11.42
C THR A 192 15.76 15.18 -11.25
N ASN A 193 15.26 15.13 -10.00
CA ASN A 193 13.89 15.50 -9.63
C ASN A 193 13.34 14.60 -8.52
N GLY A 199 9.62 16.32 -1.17
CA GLY A 199 9.69 15.26 -0.18
C GLY A 199 8.51 14.31 -0.28
N SER A 200 7.89 14.02 0.86
CA SER A 200 6.65 13.22 0.93
C SER A 200 6.16 12.97 2.35
N GLY A 201 6.99 12.29 3.15
CA GLY A 201 6.56 11.79 4.46
C GLY A 201 5.97 10.40 4.33
N SER A 202 5.01 10.28 3.40
CA SER A 202 4.39 9.00 3.02
C SER A 202 3.96 8.10 4.18
N CYS A 203 2.84 8.49 4.81
CA CYS A 203 2.06 7.66 5.74
C CYS A 203 2.43 7.79 7.23
N SER A 204 1.46 7.45 8.08
CA SER A 204 1.66 7.31 9.52
C SER A 204 0.77 6.18 10.03
N ALA A 205 1.26 5.46 11.05
CA ALA A 205 0.55 4.30 11.58
C ALA A 205 0.63 4.21 13.10
N LEU A 206 -0.38 3.58 13.69
CA LEU A 206 -0.43 3.40 15.15
C LEU A 206 -0.99 2.03 15.51
N ILE A 207 -0.25 1.30 16.33
CA ILE A 207 -0.73 0.07 16.93
C ILE A 207 -0.89 0.32 18.43
N LYS A 208 -2.14 0.36 18.89
CA LYS A 208 -2.43 0.68 20.28
C LYS A 208 -3.01 -0.52 21.04
N LEU A 209 -2.36 -0.86 22.14
CA LEU A 209 -2.89 -1.83 23.09
C LEU A 209 -3.76 -1.07 24.10
N LEU A 210 -5.03 -1.45 24.19
CA LEU A 210 -5.98 -0.79 25.09
C LEU A 210 -5.78 -1.19 26.56
N PRO A 211 -6.15 -0.31 27.50
CA PRO A 211 -5.99 -0.56 28.94
C PRO A 211 -6.53 -1.91 29.38
N GLY A 212 -5.81 -2.57 30.28
CA GLY A 212 -6.15 -3.91 30.74
C GLY A 212 -6.11 -4.95 29.64
N GLY A 213 -5.42 -4.62 28.55
CA GLY A 213 -5.33 -5.48 27.37
C GLY A 213 -6.67 -5.88 26.81
N HIS A 214 -7.67 -5.01 26.93
CA HIS A 214 -9.04 -5.32 26.53
C HIS A 214 -9.16 -5.66 25.05
N ASP A 215 -8.31 -5.03 24.24
CA ASP A 215 -8.33 -5.18 22.80
C ASP A 215 -7.05 -4.58 22.21
N LEU A 216 -6.74 -4.95 20.97
CA LEU A 216 -5.59 -4.42 20.26
C LEU A 216 -6.02 -3.76 18.96
N LEU A 217 -5.87 -2.44 18.89
CA LEU A 217 -6.23 -1.67 17.69
C LEU A 217 -5.01 -1.40 16.84
N VAL A 218 -5.16 -1.59 15.53
CA VAL A 218 -4.12 -1.26 14.57
C VAL A 218 -4.71 -0.38 13.45
N ALA A 219 -4.06 0.76 13.22
CA ALA A 219 -4.56 1.74 12.26
C ALA A 219 -3.45 2.33 11.38
N HIS A 220 -3.86 2.84 10.22
CA HIS A 220 -2.95 3.36 9.21
C HIS A 220 -3.59 4.56 8.54
N ASN A 221 -2.78 5.58 8.26
CA ASN A 221 -3.21 6.77 7.53
C ASN A 221 -2.24 7.06 6.39
N THR A 222 -2.74 6.93 5.17
CA THR A 222 -1.94 7.17 3.98
C THR A 222 -1.69 8.65 3.74
N TRP A 223 -0.43 8.99 3.49
CA TRP A 223 -0.08 10.27 2.92
C TRP A 223 0.19 10.03 1.44
N ASN A 224 -0.46 10.80 0.58
CA ASN A 224 -0.31 10.66 -0.86
C ASN A 224 -0.74 11.94 -1.58
N SER A 225 -0.45 12.00 -2.88
CA SER A 225 -0.92 13.11 -3.72
C SER A 225 -2.43 13.02 -3.87
N TYR A 226 -3.09 14.18 -3.85
CA TYR A 226 -4.54 14.24 -3.90
C TYR A 226 -5.13 13.76 -5.23
N GLN A 227 -4.26 13.60 -6.23
CA GLN A 227 -4.64 13.10 -7.54
C GLN A 227 -4.90 11.60 -7.50
N ASN A 228 -4.32 10.93 -6.51
CA ASN A 228 -4.46 9.49 -6.32
C ASN A 228 -5.73 9.10 -5.57
N MET A 229 -6.61 10.08 -5.32
CA MET A 229 -7.77 9.86 -4.45
C MET A 229 -9.00 9.26 -5.14
N LEU A 230 -8.74 8.28 -6.00
CA LEU A 230 -9.77 7.33 -6.40
C LEU A 230 -9.47 6.06 -5.62
N ARG A 231 -10.41 5.64 -4.79
CA ARG A 231 -10.15 4.57 -3.83
C ARG A 231 -11.10 3.39 -3.99
N ILE A 232 -10.55 2.19 -3.82
CA ILE A 232 -11.32 0.96 -3.83
C ILE A 232 -10.87 0.05 -2.70
N ILE A 233 -11.78 -0.25 -1.79
CA ILE A 233 -11.53 -1.26 -0.75
C ILE A 233 -11.80 -2.63 -1.37
N LYS A 234 -10.76 -3.46 -1.44
CA LYS A 234 -10.83 -4.72 -2.17
C LYS A 234 -10.83 -5.93 -1.25
N LYS A 235 -11.66 -6.91 -1.59
CA LYS A 235 -11.71 -8.18 -0.89
C LYS A 235 -11.48 -9.32 -1.87
N TYR A 236 -10.28 -9.90 -1.85
CA TYR A 236 -9.99 -11.08 -2.63
C TYR A 236 -10.24 -12.33 -1.80
N ARG A 237 -11.13 -13.19 -2.31
CA ARG A 237 -11.34 -14.50 -1.72
C ARG A 237 -10.87 -15.56 -2.73
N LEU A 238 -9.60 -15.94 -2.60
CA LEU A 238 -8.93 -16.77 -3.59
C LEU A 238 -8.83 -18.24 -3.18
N GLN A 239 -8.34 -19.08 -4.10
CA GLN A 239 -8.16 -20.50 -3.84
C GLN A 239 -6.82 -21.02 -4.35
N PHE A 240 -5.75 -20.30 -4.01
CA PHE A 240 -4.40 -20.65 -4.44
C PHE A 240 -3.78 -21.70 -3.51
N ARG A 241 -2.84 -22.47 -4.04
CA ARG A 241 -2.09 -23.44 -3.26
C ARG A 241 -0.64 -22.99 -3.12
N GLU A 242 0.06 -23.56 -2.15
CA GLU A 242 1.42 -23.14 -1.81
C GLU A 242 2.42 -23.40 -2.92
N GLY A 243 2.24 -24.48 -3.66
CA GLY A 243 3.14 -24.86 -4.76
C GLY A 243 2.45 -25.21 -6.06
N PRO A 244 3.23 -25.59 -7.08
CA PRO A 244 2.75 -25.93 -8.43
C PRO A 244 2.00 -27.26 -8.50
N GLN A 245 2.45 -28.25 -7.72
CA GLN A 245 1.74 -29.51 -7.59
C GLN A 245 0.43 -29.29 -6.82
N GLU A 246 -0.53 -30.16 -7.02
CA GLU A 246 -1.84 -29.98 -6.40
C GLU A 246 -2.00 -30.72 -5.06
N GLU A 247 -0.94 -31.44 -4.67
CA GLU A 247 -0.88 -32.09 -3.35
C GLU A 247 -0.59 -31.06 -2.26
N TYR A 248 -0.21 -29.86 -2.68
CA TYR A 248 0.04 -28.74 -1.79
C TYR A 248 -1.22 -28.26 -1.09
N PRO A 249 -1.12 -27.90 0.22
CA PRO A 249 -2.26 -27.30 0.90
C PRO A 249 -2.52 -25.89 0.38
N LEU A 250 -3.75 -25.41 0.57
CA LEU A 250 -4.12 -24.05 0.18
C LEU A 250 -3.34 -23.05 1.01
N VAL A 251 -2.90 -21.96 0.36
CA VAL A 251 -2.16 -20.90 1.06
C VAL A 251 -2.96 -20.35 2.25
N ALA A 252 -2.25 -19.99 3.31
CA ALA A 252 -2.90 -19.47 4.52
C ALA A 252 -3.57 -18.11 4.29
N GLY A 253 -3.03 -17.33 3.36
CA GLY A 253 -3.55 -16.00 3.06
C GLY A 253 -4.45 -15.94 1.84
N ASN A 254 -5.38 -16.89 1.74
CA ASN A 254 -6.33 -16.95 0.62
C ASN A 254 -7.42 -15.88 0.66
N ASN A 255 -7.80 -15.46 1.85
CA ASN A 255 -8.77 -14.38 2.04
C ASN A 255 -8.07 -13.15 2.55
N LEU A 256 -8.31 -12.01 1.89
CA LEU A 256 -7.70 -10.75 2.31
C LEU A 256 -8.48 -9.50 1.89
N VAL A 257 -8.67 -8.60 2.85
CA VAL A 257 -9.30 -7.30 2.61
C VAL A 257 -8.24 -6.22 2.76
N PHE A 258 -8.27 -5.22 1.88
CA PHE A 258 -7.25 -4.17 1.86
C PHE A 258 -7.68 -2.89 1.14
N SER A 259 -7.08 -1.77 1.55
CA SER A 259 -7.34 -0.48 0.91
C SER A 259 -6.48 -0.30 -0.32
N SER A 260 -7.11 0.03 -1.44
CA SER A 260 -6.41 0.02 -2.73
C SER A 260 -6.89 1.11 -3.68
N TYR A 261 -6.46 0.99 -4.93
CA TYR A 261 -6.71 1.97 -5.98
C TYR A 261 -7.15 1.22 -7.23
N PRO A 262 -7.77 1.92 -8.21
CA PRO A 262 -8.15 1.26 -9.46
C PRO A 262 -6.94 0.75 -10.25
N GLY A 263 -6.98 -0.53 -10.64
CA GLY A 263 -5.88 -1.17 -11.36
C GLY A 263 -4.89 -1.84 -10.44
N THR A 264 -4.36 -1.06 -9.50
CA THR A 264 -3.37 -1.53 -8.51
C THR A 264 -3.85 -2.81 -7.81
N ILE A 265 -3.27 -3.95 -8.18
CA ILE A 265 -3.69 -5.26 -7.66
C ILE A 265 -3.14 -5.61 -6.27
N PHE A 266 -2.59 -4.61 -5.59
CA PHE A 266 -2.17 -4.71 -4.20
C PHE A 266 -2.54 -3.39 -3.51
N SER A 267 -2.27 -3.30 -2.21
CA SER A 267 -2.69 -2.13 -1.43
C SER A 267 -2.10 -0.80 -1.93
N GLY A 268 -0.78 -0.65 -1.82
CA GLY A 268 -0.10 0.56 -2.26
C GLY A 268 0.24 1.47 -1.09
N ASP A 269 -0.81 2.05 -0.50
CA ASP A 269 -0.69 2.76 0.77
C ASP A 269 -0.26 1.78 1.85
N ASP A 270 -0.76 0.54 1.70
CA ASP A 270 -0.40 -0.65 2.47
C ASP A 270 -1.09 -0.82 3.81
N PHE A 271 -2.29 -1.39 3.73
CA PHE A 271 -3.05 -1.86 4.87
C PHE A 271 -3.77 -3.14 4.42
N TYR A 272 -3.44 -4.26 5.07
CA TYR A 272 -4.04 -5.56 4.72
C TYR A 272 -4.61 -6.24 5.95
N ILE A 273 -5.79 -6.85 5.80
CA ILE A 273 -6.32 -7.75 6.82
C ILE A 273 -6.48 -9.14 6.21
N LEU A 274 -5.62 -10.05 6.63
CA LEU A 274 -5.55 -11.39 6.04
C LEU A 274 -6.33 -12.40 6.86
N GLY A 275 -6.93 -13.38 6.19
CA GLY A 275 -7.73 -14.42 6.82
C GLY A 275 -6.94 -15.37 7.70
N SER A 276 -5.63 -15.14 7.79
CA SER A 276 -4.74 -15.95 8.61
C SER A 276 -4.52 -15.34 10.00
N GLY A 277 -5.27 -14.28 10.29
CA GLY A 277 -5.14 -13.55 11.56
C GLY A 277 -3.99 -12.57 11.55
N LEU A 278 -3.51 -12.21 10.36
CA LEU A 278 -2.41 -11.25 10.22
C LEU A 278 -2.89 -9.92 9.67
N VAL A 279 -2.43 -8.84 10.31
CA VAL A 279 -2.66 -7.49 9.80
C VAL A 279 -1.30 -6.89 9.47
N THR A 280 -1.11 -6.51 8.21
CA THR A 280 0.15 -5.95 7.75
C THR A 280 -0.04 -4.53 7.24
N LEU A 281 0.90 -3.66 7.59
CA LEU A 281 0.89 -2.24 7.21
C LEU A 281 2.29 -1.64 7.29
N GLU A 282 2.51 -0.53 6.59
CA GLU A 282 3.84 0.09 6.56
C GLU A 282 3.83 1.61 6.52
N THR A 283 5.02 2.19 6.73
CA THR A 283 5.29 3.60 6.44
C THR A 283 6.63 3.68 5.72
N THR A 284 6.69 4.49 4.66
CA THR A 284 7.87 4.59 3.82
C THR A 284 9.02 5.36 4.50
N ILE A 285 10.08 4.62 4.83
CA ILE A 285 11.25 5.20 5.50
C ILE A 285 12.27 5.77 4.50
N GLY A 286 12.23 5.26 3.27
CA GLY A 286 13.09 5.72 2.19
C GLY A 286 14.58 5.42 2.38
N ASN A 287 15.40 6.12 1.61
CA ASN A 287 16.85 6.06 1.73
C ASN A 287 17.49 7.33 1.16
N LYS A 288 18.37 7.95 1.94
CA LYS A 288 19.02 9.18 1.51
C LYS A 288 20.54 9.05 1.45
N ASN A 289 21.00 7.80 1.32
CA ASN A 289 22.41 7.49 1.13
C ASN A 289 22.64 6.86 -0.24
N PRO A 290 23.25 7.62 -1.18
CA PRO A 290 23.35 7.19 -2.58
C PRO A 290 24.35 6.05 -2.81
N ALA A 291 25.31 5.89 -1.90
CA ALA A 291 26.27 4.78 -1.95
C ALA A 291 25.58 3.41 -1.79
N LEU A 292 24.26 3.43 -1.63
CA LEU A 292 23.47 2.21 -1.48
C LEU A 292 22.65 1.83 -2.72
N TRP A 293 22.52 2.75 -3.67
CA TRP A 293 21.77 2.46 -4.91
C TRP A 293 22.42 1.34 -5.74
N LYS A 294 23.68 1.04 -5.44
CA LYS A 294 24.40 -0.04 -6.12
C LYS A 294 23.77 -1.41 -5.87
N TYR A 295 22.96 -1.52 -4.82
CA TYR A 295 22.28 -2.77 -4.48
C TYR A 295 20.93 -2.91 -5.20
N VAL A 296 20.55 -1.87 -5.95
CA VAL A 296 19.33 -1.90 -6.76
C VAL A 296 19.69 -2.47 -8.14
N GLN A 297 19.28 -3.71 -8.39
CA GLN A 297 19.65 -4.44 -9.60
C GLN A 297 18.46 -5.11 -10.28
N PRO A 298 18.52 -5.27 -11.62
CA PRO A 298 17.47 -6.02 -12.34
C PRO A 298 17.39 -7.48 -11.91
N GLN A 299 18.54 -8.15 -11.81
CA GLN A 299 18.61 -9.55 -11.39
C GLN A 299 18.82 -9.66 -9.89
N GLY A 300 18.17 -10.63 -9.27
CA GLY A 300 18.32 -10.87 -7.83
C GLY A 300 17.42 -9.98 -7.00
N CYS A 301 16.67 -9.11 -7.68
CA CYS A 301 15.76 -8.20 -7.01
C CYS A 301 14.34 -8.40 -7.51
N VAL A 302 13.41 -8.53 -6.57
CA VAL A 302 11.99 -8.53 -6.87
C VAL A 302 11.42 -7.23 -6.31
N LEU A 303 10.69 -6.50 -7.16
CA LEU A 303 10.10 -5.23 -6.76
C LEU A 303 9.13 -5.41 -5.59
N GLU A 304 9.18 -4.46 -4.66
CA GLU A 304 8.49 -4.57 -3.37
C GLU A 304 7.06 -5.10 -3.47
N TRP A 305 6.29 -4.55 -4.40
CA TRP A 305 4.86 -4.87 -4.51
C TRP A 305 4.55 -6.37 -4.67
N ILE A 306 5.38 -7.08 -5.43
CA ILE A 306 5.26 -8.53 -5.58
C ILE A 306 5.61 -9.25 -4.27
N ARG A 307 6.76 -8.89 -3.69
CA ARG A 307 7.21 -9.44 -2.42
C ARG A 307 6.14 -9.24 -1.35
N ASN A 308 5.58 -8.03 -1.31
CA ASN A 308 4.43 -7.68 -0.49
C ASN A 308 3.30 -8.72 -0.60
N VAL A 309 2.92 -9.03 -1.84
CA VAL A 309 1.83 -9.98 -2.11
C VAL A 309 2.22 -11.41 -1.71
N VAL A 310 3.35 -11.88 -2.23
CA VAL A 310 3.86 -13.23 -1.94
C VAL A 310 3.91 -13.51 -0.43
N ALA A 311 4.42 -12.54 0.33
CA ALA A 311 4.51 -12.64 1.78
C ALA A 311 3.13 -12.74 2.45
N ASN A 312 2.19 -11.88 2.05
CA ASN A 312 0.82 -11.92 2.52
C ASN A 312 0.14 -13.27 2.28
N ARG A 313 0.53 -13.91 1.19
CA ARG A 313 -0.12 -15.13 0.73
C ARG A 313 0.36 -16.38 1.48
N LEU A 314 1.65 -16.41 1.83
CA LEU A 314 2.26 -17.61 2.43
C LEU A 314 2.32 -17.58 3.95
N ALA A 315 2.35 -16.38 4.52
CA ALA A 315 2.60 -16.19 5.95
C ALA A 315 1.56 -16.81 6.88
N LEU A 316 2.04 -17.33 8.00
CA LEU A 316 1.18 -17.71 9.13
C LEU A 316 1.60 -16.90 10.36
N ASP A 317 2.90 -16.89 10.64
CA ASP A 317 3.46 -16.08 11.73
C ASP A 317 3.91 -14.73 11.19
N GLY A 318 4.31 -13.85 12.11
CA GLY A 318 4.98 -12.61 11.72
C GLY A 318 6.41 -12.90 11.28
N ALA A 319 7.00 -13.93 11.87
CA ALA A 319 8.35 -14.38 11.53
C ALA A 319 8.39 -15.03 10.15
N THR A 320 7.33 -15.76 9.81
CA THR A 320 7.19 -16.38 8.50
C THR A 320 7.06 -15.30 7.44
N TRP A 321 6.20 -14.31 7.70
CA TRP A 321 6.00 -13.19 6.80
C TRP A 321 7.33 -12.51 6.50
N ALA A 322 8.03 -12.11 7.57
CA ALA A 322 9.33 -11.46 7.48
C ALA A 322 10.28 -12.21 6.55
N ASP A 323 10.42 -13.52 6.77
CA ASP A 323 11.29 -14.38 5.97
C ASP A 323 11.04 -14.22 4.47
N VAL A 324 9.78 -14.35 4.06
CA VAL A 324 9.39 -14.34 2.65
C VAL A 324 9.61 -12.98 1.98
N PHE A 325 9.28 -11.90 2.70
CA PHE A 325 9.46 -10.54 2.18
C PHE A 325 10.92 -10.21 1.93
N LYS A 326 11.80 -10.71 2.82
CA LYS A 326 13.24 -10.48 2.76
C LYS A 326 13.89 -10.98 1.46
N ARG A 327 13.39 -12.10 0.96
CA ARG A 327 13.97 -12.75 -0.22
C ARG A 327 14.00 -11.80 -1.42
N PHE A 328 15.15 -11.76 -2.08
CA PHE A 328 15.38 -10.91 -3.25
C PHE A 328 14.98 -9.45 -3.02
N ASN A 329 15.41 -8.92 -1.87
CA ASN A 329 15.22 -7.52 -1.51
C ASN A 329 15.75 -6.61 -2.62
N SER A 330 14.92 -5.65 -3.02
CA SER A 330 15.23 -4.80 -4.17
C SER A 330 15.83 -3.44 -3.79
N GLY A 331 15.60 -3.03 -2.55
CA GLY A 331 16.02 -1.70 -2.09
C GLY A 331 15.10 -0.62 -2.64
N THR A 332 13.99 -1.05 -3.24
CA THR A 332 12.98 -0.13 -3.75
C THR A 332 11.70 -0.25 -2.92
N TYR A 333 11.03 0.89 -2.73
CA TYR A 333 9.92 1.05 -1.78
C TYR A 333 10.35 0.59 -0.38
N ASN A 334 11.16 1.45 0.24
CA ASN A 334 11.79 1.16 1.53
C ASN A 334 10.88 1.51 2.71
N ASN A 335 10.44 0.50 3.45
CA ASN A 335 9.41 0.66 4.46
C ASN A 335 9.74 0.08 5.84
N GLN A 336 9.03 0.55 6.85
CA GLN A 336 8.93 -0.16 8.13
C GLN A 336 7.65 -0.98 8.10
N TRP A 337 7.79 -2.30 8.20
CA TRP A 337 6.65 -3.19 8.11
C TRP A 337 6.20 -3.73 9.46
N MET A 338 4.98 -3.37 9.83
CA MET A 338 4.36 -3.86 11.05
C MET A 338 3.50 -5.06 10.72
N ILE A 339 3.84 -6.20 11.33
CA ILE A 339 3.03 -7.41 11.17
C ILE A 339 2.40 -7.78 12.51
N VAL A 340 1.09 -7.62 12.57
CA VAL A 340 0.34 -7.93 13.79
C VAL A 340 -0.38 -9.27 13.63
N ASP A 341 -0.09 -10.18 14.55
CA ASP A 341 -0.67 -11.52 14.53
C ASP A 341 -1.73 -11.66 15.63
N TYR A 342 -3.00 -11.53 15.23
CA TYR A 342 -4.10 -11.63 16.20
C TYR A 342 -4.28 -13.02 16.81
N LYS A 343 -3.71 -14.04 16.17
CA LYS A 343 -3.68 -15.39 16.72
C LYS A 343 -2.88 -15.41 18.02
N ALA A 344 -1.83 -14.59 18.08
CA ALA A 344 -0.98 -14.50 19.25
C ALA A 344 -1.56 -13.57 20.33
N PHE A 345 -2.58 -12.81 19.97
CA PHE A 345 -3.23 -11.89 20.92
C PHE A 345 -4.31 -12.58 21.74
N LEU A 346 -4.18 -12.48 23.06
CA LEU A 346 -5.20 -12.98 23.98
C LEU A 346 -5.88 -11.80 24.68
N PRO A 347 -7.20 -11.63 24.47
CA PRO A 347 -7.96 -10.55 25.10
C PRO A 347 -7.86 -10.56 26.62
N ASN A 348 -7.60 -9.39 27.19
CA ASN A 348 -7.48 -9.18 28.65
C ASN A 348 -6.28 -9.87 29.30
N GLY A 349 -5.61 -10.75 28.57
CA GLY A 349 -4.46 -11.49 29.09
C GLY A 349 -3.20 -10.66 29.19
N PRO A 350 -2.12 -11.26 29.73
CA PRO A 350 -0.83 -10.60 29.83
C PRO A 350 0.00 -10.80 28.55
N SER A 351 1.26 -10.34 28.58
CA SER A 351 2.16 -10.48 27.44
C SER A 351 2.51 -11.94 27.19
N PRO A 352 2.31 -12.42 25.94
CA PRO A 352 2.77 -13.75 25.55
C PRO A 352 4.29 -13.78 25.35
N GLY A 353 4.92 -12.61 25.48
CA GLY A 353 6.37 -12.48 25.35
C GLY A 353 6.86 -12.35 23.93
N SER A 354 6.10 -12.93 22.99
CA SER A 354 6.51 -13.00 21.59
C SER A 354 5.34 -13.23 20.64
N ARG A 355 5.57 -12.95 19.35
CA ARG A 355 4.70 -13.33 18.23
C ARG A 355 3.61 -12.34 17.83
N VAL A 356 3.23 -11.43 18.73
CA VAL A 356 2.17 -10.46 18.45
C VAL A 356 2.61 -9.41 17.43
N LEU A 357 3.72 -8.73 17.72
CA LEU A 357 4.20 -7.65 16.88
C LEU A 357 5.61 -7.88 16.34
N THR A 358 5.74 -7.80 15.02
CA THR A 358 7.02 -7.93 14.34
C THR A 358 7.29 -6.68 13.50
N ILE A 359 8.48 -6.10 13.67
CA ILE A 359 8.88 -4.94 12.86
C ILE A 359 10.03 -5.29 11.92
N LEU A 360 9.81 -5.01 10.63
CA LEU A 360 10.81 -5.21 9.59
C LEU A 360 11.12 -3.89 8.93
N GLU A 361 12.41 -3.62 8.69
CA GLU A 361 12.82 -2.42 7.97
C GLU A 361 13.75 -2.73 6.81
N GLN A 362 13.51 -2.07 5.68
CA GLN A 362 14.24 -2.31 4.45
C GLN A 362 14.90 -1.03 3.93
N ILE A 363 16.19 -1.15 3.59
CA ILE A 363 16.89 -0.17 2.77
C ILE A 363 17.70 -0.97 1.74
N PRO A 364 18.20 -0.31 0.67
CA PRO A 364 19.00 -1.04 -0.31
C PRO A 364 20.12 -1.89 0.32
N GLY A 365 20.03 -3.20 0.10
CA GLY A 365 21.05 -4.13 0.56
C GLY A 365 21.01 -4.49 2.04
N MET A 366 19.99 -4.01 2.75
CA MET A 366 19.85 -4.27 4.19
C MET A 366 18.40 -4.44 4.65
N VAL A 367 18.15 -5.54 5.36
CA VAL A 367 16.85 -5.78 5.99
C VAL A 367 17.06 -6.26 7.44
N VAL A 368 16.45 -5.52 8.38
CA VAL A 368 16.51 -5.87 9.80
C VAL A 368 15.12 -6.24 10.32
N VAL A 369 15.04 -7.37 11.02
CA VAL A 369 13.79 -7.88 11.58
C VAL A 369 13.90 -8.03 13.09
N ALA A 370 12.80 -7.76 13.80
CA ALA A 370 12.74 -8.00 15.25
C ALA A 370 11.31 -8.23 15.75
N ASP A 371 11.20 -9.03 16.81
CA ASP A 371 9.93 -9.24 17.50
C ASP A 371 9.80 -8.22 18.63
N LYS A 372 8.91 -7.24 18.44
CA LYS A 372 8.75 -6.14 19.39
C LYS A 372 7.50 -6.26 20.23
N THR A 373 7.16 -7.49 20.62
CA THR A 373 5.99 -7.74 21.46
C THR A 373 6.17 -7.11 22.84
N ALA A 374 7.30 -7.39 23.48
CA ALA A 374 7.63 -6.81 24.78
C ALA A 374 7.50 -5.29 24.78
N GLU A 375 8.05 -4.65 23.74
CA GLU A 375 7.94 -3.20 23.57
C GLU A 375 6.48 -2.74 23.51
N LEU A 376 5.69 -3.39 22.66
CA LEU A 376 4.27 -3.09 22.54
C LEU A 376 3.55 -3.15 23.88
N TYR A 377 3.85 -4.19 24.66
CA TYR A 377 3.21 -4.37 25.97
C TYR A 377 3.75 -3.44 27.06
N LYS A 378 5.08 -3.26 27.10
CA LYS A 378 5.70 -2.35 28.07
C LYS A 378 5.22 -0.91 27.91
N THR A 379 5.24 -0.40 26.68
CA THR A 379 4.83 0.98 26.40
C THR A 379 3.37 1.11 25.96
N THR A 380 2.72 -0.04 25.74
CA THR A 380 1.31 -0.16 25.34
C THR A 380 0.96 0.38 23.94
N TYR A 381 1.98 0.75 23.16
CA TYR A 381 1.77 1.21 21.78
C TYR A 381 3.00 1.10 20.88
N TRP A 382 2.75 1.15 19.56
CA TRP A 382 3.81 1.30 18.56
C TRP A 382 3.36 2.32 17.51
N ALA A 383 4.10 3.42 17.42
CA ALA A 383 3.82 4.46 16.43
C ALA A 383 4.71 4.30 15.22
N SER A 384 4.31 4.90 14.09
CA SER A 384 5.08 4.81 12.87
C SER A 384 4.95 6.07 12.01
N TYR A 385 6.08 6.47 11.42
CA TYR A 385 6.17 7.67 10.62
C TYR A 385 7.26 7.47 9.54
N ASN A 386 7.83 8.55 9.01
CA ASN A 386 8.82 8.44 7.95
C ASN A 386 10.24 8.11 8.42
N ILE A 387 10.40 7.83 9.71
CA ILE A 387 11.72 7.60 10.31
C ILE A 387 11.89 6.18 10.84
N PRO A 388 12.89 5.44 10.32
CA PRO A 388 13.19 4.06 10.73
C PRO A 388 13.54 3.93 12.22
N TYR A 389 13.06 2.84 12.82
CA TYR A 389 13.27 2.55 14.23
C TYR A 389 14.69 2.07 14.51
N PHE A 390 15.08 0.98 13.83
CA PHE A 390 16.36 0.32 14.07
C PHE A 390 17.55 1.26 13.89
N GLU A 391 18.35 1.40 14.96
CA GLU A 391 19.50 2.30 15.00
C GLU A 391 20.45 2.11 13.81
N THR A 392 20.66 0.86 13.42
CA THR A 392 21.52 0.52 12.28
C THR A 392 20.98 1.14 10.99
N VAL A 393 19.73 0.81 10.64
CA VAL A 393 19.06 1.29 9.43
C VAL A 393 19.09 2.82 9.32
N PHE A 394 18.85 3.48 10.45
CA PHE A 394 18.87 4.94 10.56
C PHE A 394 20.22 5.51 10.11
N ASN A 395 21.30 4.97 10.68
CA ASN A 395 22.65 5.35 10.32
C ASN A 395 22.99 5.00 8.87
N ALA A 396 22.71 3.75 8.50
CA ALA A 396 23.04 3.23 7.18
C ALA A 396 22.37 4.00 6.04
N SER A 397 21.11 4.40 6.26
CA SER A 397 20.36 5.17 5.25
C SER A 397 20.76 6.65 5.20
N GLY A 398 21.67 7.04 6.08
CA GLY A 398 22.27 8.38 6.05
C GLY A 398 21.41 9.49 6.62
N LEU A 399 20.71 9.20 7.71
CA LEU A 399 19.85 10.19 8.35
C LEU A 399 20.54 11.03 9.42
N GLN A 400 21.73 10.59 9.84
CA GLN A 400 22.51 11.32 10.83
C GLN A 400 22.97 12.68 10.32
N ALA A 401 23.33 12.74 9.03
CA ALA A 401 23.74 13.97 8.39
C ALA A 401 22.59 14.97 8.29
N LEU A 402 21.37 14.45 8.12
CA LEU A 402 20.18 15.29 8.03
C LEU A 402 19.72 15.81 9.39
N VAL A 403 19.95 15.03 10.45
CA VAL A 403 19.70 15.48 11.81
C VAL A 403 20.68 16.60 12.16
N ALA A 404 21.95 16.40 11.84
CA ALA A 404 23.00 17.38 12.08
C ALA A 404 22.80 18.67 11.26
N GLN A 405 22.12 18.55 10.12
CA GLN A 405 21.92 19.69 9.23
C GLN A 405 20.59 20.41 9.44
N TYR A 406 19.55 19.66 9.84
CA TYR A 406 18.20 20.23 9.98
C TYR A 406 17.55 20.01 11.34
N GLY A 407 18.26 19.40 12.28
CA GLY A 407 17.76 19.22 13.64
C GLY A 407 16.76 18.08 13.77
N ASP A 408 15.92 18.19 14.79
CA ASP A 408 15.08 17.08 15.24
C ASP A 408 13.91 16.67 14.33
N TRP A 409 13.75 17.35 13.19
CA TRP A 409 12.73 16.96 12.21
C TRP A 409 13.05 15.60 11.59
N PHE A 410 14.33 15.23 11.60
CA PHE A 410 14.79 13.94 11.08
C PHE A 410 15.13 12.96 12.20
N SER A 411 15.14 13.44 13.44
CA SER A 411 15.33 12.59 14.62
C SER A 411 14.20 11.59 14.74
N TYR A 412 14.49 10.41 15.30
CA TYR A 412 13.46 9.38 15.41
C TYR A 412 12.44 9.67 16.50
N THR A 413 12.90 10.18 17.64
CA THR A 413 12.04 10.39 18.80
C THR A 413 11.67 11.86 19.03
N LYS A 414 12.15 12.76 18.16
CA LYS A 414 11.99 14.19 18.38
C LYS A 414 11.34 14.95 17.21
N ASN A 415 11.00 14.24 16.15
CA ASN A 415 10.27 14.84 15.03
C ASN A 415 8.82 15.18 15.43
N PRO A 416 8.22 16.19 14.78
CA PRO A 416 6.84 16.62 15.06
C PRO A 416 5.84 15.49 15.34
N ARG A 417 5.79 14.48 14.46
CA ARG A 417 4.85 13.37 14.60
C ARG A 417 5.14 12.45 15.79
N ALA A 418 6.42 12.17 16.02
CA ALA A 418 6.84 11.35 17.16
C ALA A 418 6.37 11.97 18.48
N LYS A 419 6.49 13.29 18.58
CA LYS A 419 6.05 14.03 19.77
C LYS A 419 4.54 14.04 19.95
N ILE A 420 3.80 14.20 18.85
CA ILE A 420 2.34 14.22 18.91
C ILE A 420 1.79 12.88 19.40
N PHE A 421 2.34 11.77 18.90
CA PHE A 421 2.01 10.44 19.39
C PHE A 421 2.35 10.34 20.88
N GLN A 422 3.58 10.75 21.23
CA GLN A 422 4.07 10.69 22.60
C GLN A 422 3.13 11.28 23.66
N ARG A 423 2.43 12.35 23.30
CA ARG A 423 1.55 13.02 24.27
C ARG A 423 0.05 12.82 24.02
N ASP A 424 -0.31 12.15 22.93
CA ASP A 424 -1.74 11.98 22.60
C ASP A 424 -2.21 10.53 22.42
N GLN A 425 -1.26 9.59 22.32
CA GLN A 425 -1.58 8.19 22.01
C GLN A 425 -2.38 7.46 23.10
N SER A 426 -2.26 7.90 24.34
CA SER A 426 -2.95 7.25 25.45
C SER A 426 -4.46 7.45 25.39
N LEU A 427 -4.87 8.49 24.66
CA LEU A 427 -6.27 8.88 24.55
C LEU A 427 -7.11 7.92 23.68
N VAL A 428 -6.47 7.26 22.73
CA VAL A 428 -7.17 6.27 21.91
C VAL A 428 -7.57 5.06 22.76
N GLU A 429 -8.86 4.99 23.05
CA GLU A 429 -9.45 4.00 23.94
C GLU A 429 -10.42 3.09 23.18
N ASP A 430 -10.81 3.54 21.99
CA ASP A 430 -11.69 2.80 21.09
C ASP A 430 -11.46 3.19 19.64
N MET A 431 -12.30 2.67 18.75
CA MET A 431 -12.19 2.89 17.31
C MET A 431 -12.27 4.37 16.92
N ASP A 432 -13.30 5.05 17.42
CA ASP A 432 -13.53 6.45 17.12
C ASP A 432 -12.39 7.33 17.62
N ALA A 433 -11.90 7.01 18.81
CA ALA A 433 -10.76 7.73 19.40
C ALA A 433 -9.51 7.56 18.52
N MET A 434 -9.37 6.39 17.91
CA MET A 434 -8.27 6.10 17.00
C MET A 434 -8.36 6.92 15.72
N VAL A 435 -9.55 6.95 15.11
CA VAL A 435 -9.79 7.73 13.90
C VAL A 435 -9.46 9.20 14.14
N ARG A 436 -9.97 9.75 15.25
CA ARG A 436 -9.75 11.16 15.60
C ARG A 436 -8.27 11.51 15.71
N LEU A 437 -7.46 10.60 16.24
CA LEU A 437 -6.01 10.82 16.34
C LEU A 437 -5.34 10.70 14.97
N MET A 438 -5.67 9.64 14.24
CA MET A 438 -5.06 9.37 12.94
C MET A 438 -5.45 10.42 11.91
N ARG A 439 -6.57 11.11 12.17
CA ARG A 439 -7.03 12.21 11.32
C ARG A 439 -6.57 13.57 11.86
N TYR A 440 -5.97 13.58 13.04
CA TYR A 440 -5.63 14.83 13.73
C TYR A 440 -4.65 15.74 12.97
N ASN A 441 -5.04 17.00 12.85
CA ASN A 441 -4.22 18.06 12.26
C ASN A 441 -4.74 19.43 12.67
N ASP A 442 -4.00 20.11 13.53
CA ASP A 442 -4.35 21.43 14.03
C ASP A 442 -3.09 22.30 14.05
N PHE A 443 -2.46 22.42 12.88
CA PHE A 443 -1.13 23.02 12.76
C PHE A 443 -1.03 24.48 13.18
N LEU A 444 -2.13 25.22 13.03
CA LEU A 444 -2.18 26.63 13.41
C LEU A 444 -2.12 26.87 14.92
N HIS A 445 -2.62 25.90 15.70
CA HIS A 445 -2.79 26.09 17.14
C HIS A 445 -2.03 25.08 18.01
N ASP A 446 -1.40 24.09 17.39
CA ASP A 446 -0.59 23.10 18.12
C ASP A 446 0.89 23.51 18.08
N PRO A 447 1.48 23.78 19.26
CA PRO A 447 2.90 24.14 19.37
C PRO A 447 3.88 23.16 18.73
N LEU A 448 3.48 21.92 18.53
CA LEU A 448 4.35 20.88 17.96
C LEU A 448 4.36 20.88 16.44
N SER A 449 3.57 21.77 15.83
CA SER A 449 3.55 21.91 14.38
C SER A 449 4.36 23.13 13.92
N LEU A 450 5.01 23.79 14.87
CA LEU A 450 5.81 24.98 14.60
C LEU A 450 7.16 24.64 13.98
N CYS A 451 7.43 25.25 12.83
CA CYS A 451 8.72 25.11 12.15
C CYS A 451 9.53 26.40 12.30
N GLU A 452 10.65 26.30 12.99
CA GLU A 452 11.47 27.47 13.35
C GLU A 452 12.26 28.03 12.17
N ALA A 453 12.67 27.14 11.26
CA ALA A 453 13.41 27.55 10.06
C ALA A 453 12.45 28.07 8.99
N CYS A 454 11.16 28.13 9.33
CA CYS A 454 10.11 28.49 8.40
C CYS A 454 9.57 29.90 8.59
N ASN A 455 8.76 30.34 7.62
CA ASN A 455 8.13 31.66 7.64
C ASN A 455 6.89 31.59 6.74
N PRO A 456 5.69 31.42 7.33
CA PRO A 456 5.34 31.37 8.76
C PRO A 456 5.85 30.12 9.46
N LYS A 457 5.90 30.18 10.79
CA LYS A 457 6.39 29.07 11.61
C LYS A 457 5.49 27.81 11.59
N PRO A 458 4.16 27.97 11.76
CA PRO A 458 3.32 26.76 11.73
C PRO A 458 3.30 26.11 10.35
N ASN A 459 3.38 24.78 10.31
CA ASN A 459 3.38 24.03 9.06
C ASN A 459 2.42 22.85 9.08
N ALA A 460 1.67 22.71 7.99
CA ALA A 460 0.62 21.69 7.88
C ALA A 460 1.16 20.27 7.67
N GLU A 461 2.47 20.16 7.39
CA GLU A 461 3.13 18.86 7.27
C GLU A 461 3.36 18.25 8.65
N ASN A 462 3.57 19.12 9.64
CA ASN A 462 3.85 18.68 11.00
C ASN A 462 2.59 18.29 11.77
N ALA A 463 1.89 17.30 11.23
CA ALA A 463 0.72 16.71 11.86
C ALA A 463 0.70 15.23 11.55
N ILE A 464 -0.20 14.50 12.21
CA ILE A 464 -0.35 13.06 11.96
C ILE A 464 -1.00 12.82 10.60
N SER A 465 -2.01 13.63 10.27
CA SER A 465 -2.65 13.57 8.95
C SER A 465 -2.33 14.85 8.18
N ALA A 466 -1.21 14.83 7.46
CA ALA A 466 -0.68 16.02 6.78
C ALA A 466 -1.69 16.72 5.89
N ARG A 467 -1.48 18.03 5.70
CA ARG A 467 -2.38 18.85 4.92
C ARG A 467 -1.59 19.93 4.18
N SER A 468 -0.64 19.49 3.36
CA SER A 468 0.36 20.36 2.72
C SER A 468 -0.21 21.53 1.91
N ASP A 469 -1.40 21.35 1.35
CA ASP A 469 -2.03 22.37 0.51
C ASP A 469 -2.34 23.67 1.27
N LEU A 470 -2.46 23.57 2.60
CA LEU A 470 -2.78 24.73 3.43
C LEU A 470 -1.57 25.54 3.87
N ASN A 471 -0.40 25.23 3.30
CA ASN A 471 0.79 26.07 3.46
C ASN A 471 0.82 27.14 2.37
N PRO A 472 1.19 28.38 2.72
CA PRO A 472 1.26 29.44 1.71
C PRO A 472 2.29 29.17 0.62
N ALA A 473 1.88 29.39 -0.62
CA ALA A 473 2.73 29.13 -1.80
C ALA A 473 3.96 30.03 -1.86
N ASN A 474 3.99 31.04 -0.99
CA ASN A 474 5.07 32.02 -0.97
C ASN A 474 5.84 32.06 0.36
N GLY A 475 5.86 30.92 1.05
CA GLY A 475 6.55 30.81 2.33
C GLY A 475 8.03 30.49 2.18
N SER A 476 8.77 30.61 3.28
CA SER A 476 10.19 30.26 3.32
C SER A 476 10.35 28.92 4.04
N TYR A 477 10.67 27.87 3.28
CA TYR A 477 10.81 26.52 3.83
C TYR A 477 12.22 25.97 3.54
N PRO A 478 12.80 25.24 4.51
CA PRO A 478 14.16 24.69 4.41
C PRO A 478 14.29 23.54 3.41
N PHE A 479 13.20 22.79 3.19
CA PHE A 479 13.22 21.66 2.25
C PHE A 479 11.84 21.36 1.66
N GLN A 480 11.83 20.69 0.50
CA GLN A 480 10.61 20.44 -0.28
C GLN A 480 9.41 19.91 0.49
N ALA A 481 9.65 18.97 1.41
CA ALA A 481 8.60 18.33 2.20
C ALA A 481 7.67 19.31 2.93
N LEU A 482 8.14 20.53 3.13
CA LEU A 482 7.38 21.56 3.86
C LEU A 482 6.73 22.61 2.95
N HIS A 483 7.03 22.57 1.66
CA HIS A 483 6.43 23.45 0.66
C HIS A 483 4.94 23.14 0.51
N GLN A 484 4.20 24.04 -0.14
CA GLN A 484 2.80 23.77 -0.41
C GLN A 484 2.66 22.76 -1.54
N ARG A 485 1.86 21.72 -1.30
CA ARG A 485 1.73 20.61 -2.24
C ARG A 485 0.31 20.07 -2.24
N ALA A 486 -0.13 19.53 -3.38
CA ALA A 486 -1.38 18.78 -3.45
C ALA A 486 -1.14 17.39 -2.86
N HIS A 487 -0.63 17.37 -1.63
CA HIS A 487 -0.18 16.17 -0.95
C HIS A 487 -0.55 16.22 0.53
N GLY A 488 -0.60 15.05 1.17
CA GLY A 488 -0.95 14.96 2.58
C GLY A 488 -1.73 13.70 2.87
N GLY A 489 -2.19 13.55 4.11
CA GLY A 489 -3.02 12.42 4.52
C GLY A 489 -4.30 12.36 3.71
N ILE A 490 -4.62 11.18 3.18
CA ILE A 490 -5.79 11.01 2.31
C ILE A 490 -6.78 9.93 2.74
N ASP A 491 -6.47 9.21 3.82
CA ASP A 491 -7.37 8.20 4.36
C ASP A 491 -7.03 7.76 5.78
N VAL A 492 -7.96 7.06 6.42
CA VAL A 492 -7.72 6.38 7.69
C VAL A 492 -8.43 5.03 7.67
N LYS A 493 -7.69 3.98 8.00
CA LYS A 493 -8.25 2.63 8.12
C LYS A 493 -7.91 2.10 9.50
N VAL A 494 -8.92 1.56 10.19
CA VAL A 494 -8.74 1.04 11.54
C VAL A 494 -9.36 -0.35 11.67
N THR A 495 -8.76 -1.19 12.51
CA THR A 495 -9.31 -2.51 12.81
C THR A 495 -9.01 -2.96 14.25
N SER A 496 -9.87 -3.80 14.79
CA SER A 496 -9.68 -4.36 16.14
C SER A 496 -9.48 -5.86 16.06
N PHE A 497 -9.49 -6.53 17.22
CA PHE A 497 -9.41 -7.99 17.27
C PHE A 497 -10.65 -8.62 16.66
N THR A 498 -11.82 -8.25 17.18
CA THR A 498 -13.10 -8.79 16.73
C THR A 498 -13.40 -8.44 15.27
N LEU A 499 -13.02 -7.23 14.85
CA LEU A 499 -13.25 -6.80 13.47
C LEU A 499 -12.36 -7.54 12.46
N ALA A 500 -11.16 -7.91 12.87
CA ALA A 500 -10.27 -8.70 12.01
C ALA A 500 -10.76 -10.13 11.92
N LYS A 501 -11.21 -10.68 13.05
CA LYS A 501 -11.83 -12.00 13.12
C LYS A 501 -12.96 -12.13 12.10
N TYR A 502 -13.60 -11.00 11.79
CA TYR A 502 -14.69 -10.95 10.82
C TYR A 502 -14.33 -10.15 9.56
N MET A 503 -13.03 -10.10 9.23
CA MET A 503 -12.53 -9.49 7.99
C MET A 503 -13.08 -8.09 7.71
N SER A 504 -13.12 -7.26 8.76
CA SER A 504 -13.73 -5.94 8.68
C SER A 504 -12.79 -4.83 9.16
N MET A 505 -13.10 -3.60 8.75
CA MET A 505 -12.33 -2.41 9.11
C MET A 505 -13.24 -1.17 9.13
N LEU A 506 -12.74 -0.10 9.73
CA LEU A 506 -13.35 1.22 9.56
C LEU A 506 -12.50 2.00 8.57
N ALA A 507 -13.14 2.66 7.61
CA ALA A 507 -12.42 3.40 6.58
C ALA A 507 -12.99 4.78 6.32
N ALA A 508 -12.13 5.79 6.40
CA ALA A 508 -12.50 7.18 6.10
C ALA A 508 -11.69 7.69 4.91
N SER A 509 -12.39 8.14 3.86
CA SER A 509 -11.75 8.58 2.62
C SER A 509 -11.57 10.09 2.56
N GLY A 510 -10.40 10.53 2.09
CA GLY A 510 -10.14 11.95 1.85
C GLY A 510 -9.25 12.61 2.87
N PRO A 511 -8.77 13.84 2.55
CA PRO A 511 -7.96 14.63 3.48
C PRO A 511 -8.74 15.01 4.72
N THR A 512 -8.03 15.34 5.79
CA THR A 512 -8.66 15.60 7.09
C THR A 512 -9.48 16.88 7.13
N TRP A 513 -10.64 16.80 7.79
CA TRP A 513 -11.51 17.96 7.97
C TRP A 513 -12.06 18.08 9.38
N ASP A 514 -11.46 17.34 10.32
CA ASP A 514 -11.83 17.41 11.73
C ASP A 514 -11.67 18.83 12.29
N GLN A 515 -10.58 19.49 11.91
CA GLN A 515 -10.30 20.85 12.36
C GLN A 515 -9.89 21.77 11.21
N CYS A 516 -9.20 21.21 10.21
CA CYS A 516 -8.85 21.94 9.00
C CYS A 516 -10.09 22.09 8.10
N PRO A 517 -10.18 23.20 7.35
CA PRO A 517 -11.28 23.36 6.40
C PRO A 517 -11.25 22.24 5.35
N PRO A 518 -12.41 21.61 5.08
CA PRO A 518 -12.50 20.45 4.20
C PRO A 518 -11.95 20.74 2.81
N PHE A 519 -11.21 19.78 2.25
CA PHE A 519 -10.61 19.95 0.94
C PHE A 519 -11.65 20.04 -0.18
N GLN A 520 -11.48 21.04 -1.03
CA GLN A 520 -12.31 21.22 -2.21
C GLN A 520 -11.42 21.63 -3.38
N TRP A 521 -11.42 20.83 -4.43
CA TRP A 521 -10.63 21.11 -5.64
C TRP A 521 -10.92 22.50 -6.21
N SER A 522 -12.21 22.83 -6.33
CA SER A 522 -12.67 24.10 -6.87
C SER A 522 -12.05 25.30 -6.17
N LYS A 523 -12.00 25.25 -4.84
CA LYS A 523 -11.53 26.37 -4.03
C LYS A 523 -10.05 26.28 -3.66
N SER A 524 -9.39 25.20 -4.08
CA SER A 524 -7.97 24.97 -3.81
C SER A 524 -7.10 25.59 -4.89
N PRO A 525 -5.83 25.92 -4.56
CA PRO A 525 -4.91 26.46 -5.58
C PRO A 525 -4.41 25.39 -6.57
N PHE A 526 -5.12 24.27 -6.63
CA PHE A 526 -4.78 23.17 -7.53
C PHE A 526 -5.96 22.76 -8.42
N HIS A 527 -6.94 23.66 -8.53
CA HIS A 527 -8.14 23.45 -9.36
C HIS A 527 -7.81 22.99 -10.79
N SER A 528 -6.64 23.41 -11.27
CA SER A 528 -6.17 23.11 -12.62
C SER A 528 -5.83 21.64 -12.85
N MET A 529 -5.28 20.98 -11.83
CA MET A 529 -4.90 19.56 -11.91
C MET A 529 -6.13 18.68 -12.16
N LEU A 530 -5.97 17.71 -13.05
CA LEU A 530 -7.09 16.83 -13.42
C LEU A 530 -7.32 15.73 -12.39
N HIS A 531 -8.60 15.45 -12.12
CA HIS A 531 -9.02 14.54 -11.07
C HIS A 531 -10.38 13.92 -11.43
N MET A 532 -10.41 13.17 -12.52
CA MET A 532 -11.63 12.56 -13.04
C MET A 532 -12.25 11.58 -12.06
N GLY A 533 -13.55 11.70 -11.84
CA GLY A 533 -14.28 10.80 -10.96
C GLY A 533 -14.15 11.10 -9.48
N GLN A 534 -13.29 12.07 -9.15
CA GLN A 534 -13.12 12.53 -7.77
C GLN A 534 -14.19 13.55 -7.41
N PRO A 535 -14.80 13.42 -6.21
CA PRO A 535 -15.70 14.45 -5.70
C PRO A 535 -14.95 15.76 -5.52
N ASP A 536 -15.62 16.86 -5.84
CA ASP A 536 -15.05 18.20 -5.71
C ASP A 536 -14.72 18.51 -4.24
N LEU A 537 -15.71 18.31 -3.37
CA LEU A 537 -15.54 18.52 -1.95
C LEU A 537 -15.33 17.19 -1.24
N TRP A 538 -14.48 17.19 -0.22
CA TRP A 538 -14.19 15.99 0.55
C TRP A 538 -14.56 16.17 2.02
N MET A 539 -15.78 15.72 2.36
CA MET A 539 -16.29 15.79 3.74
C MET A 539 -16.84 14.43 4.17
N PHE A 540 -16.11 13.38 3.84
CA PHE A 540 -16.58 12.01 4.07
C PHE A 540 -16.22 11.49 5.47
N SER A 541 -17.17 10.78 6.06
CA SER A 541 -17.01 10.22 7.40
C SER A 541 -16.62 8.74 7.33
N PRO A 542 -16.05 8.21 8.42
CA PRO A 542 -15.69 6.79 8.45
C PRO A 542 -16.90 5.88 8.29
N ILE A 543 -16.67 4.74 7.63
CA ILE A 543 -17.70 3.73 7.42
C ILE A 543 -17.10 2.36 7.69
N ARG A 544 -17.96 1.39 8.01
CA ARG A 544 -17.49 0.04 8.24
C ARG A 544 -17.66 -0.81 6.98
N VAL A 545 -16.60 -1.51 6.61
CA VAL A 545 -16.69 -2.58 5.63
C VAL A 545 -16.96 -3.87 6.42
N PRO A 546 -17.56 -4.89 5.78
CA PRO A 546 -17.86 -4.93 4.35
C PRO A 546 -19.11 -4.15 3.95
N TRP A 547 -18.98 -3.44 2.84
CA TRP A 547 -20.09 -2.92 2.06
C TRP A 547 -20.89 -1.78 2.67
N ASP A 548 -20.49 -0.57 2.30
CA ASP A 548 -21.30 0.63 2.40
C ASP A 548 -22.41 0.56 3.45
C1 NAG B . -4.27 -25.04 -16.03
C2 NAG B . -3.10 -25.67 -16.77
C3 NAG B . -3.05 -25.19 -18.23
C4 NAG B . -4.41 -25.25 -18.93
C5 NAG B . -5.51 -24.67 -18.03
C6 NAG B . -6.90 -24.85 -18.62
C7 NAG B . -1.05 -24.39 -16.18
C8 NAG B . 0.43 -24.67 -16.19
N2 NAG B . -1.85 -25.45 -16.06
O3 NAG B . -2.11 -25.97 -18.94
O4 NAG B . -4.36 -24.53 -20.14
O5 NAG B . -5.47 -25.27 -16.75
O6 NAG B . -7.40 -26.14 -18.33
O7 NAG B . -1.44 -23.23 -16.27
C1 NAG B . -4.36 -25.39 -21.30
C2 NAG B . -4.86 -24.60 -22.50
C3 NAG B . -4.96 -25.52 -23.72
C4 NAG B . -3.67 -26.29 -23.99
C5 NAG B . -2.97 -26.78 -22.70
C6 NAG B . -1.49 -26.99 -22.97
C7 NAG B . -6.25 -22.63 -22.26
C8 NAG B . -7.62 -22.09 -21.97
N2 NAG B . -6.12 -23.95 -22.23
O3 NAG B . -5.27 -24.74 -24.85
O4 NAG B . -3.99 -27.37 -24.83
O5 NAG B . -3.07 -25.90 -21.59
O6 NAG B . -0.87 -27.58 -21.85
O7 NAG B . -5.33 -21.85 -22.51
C1 BMA B . -3.08 -27.48 -25.96
C2 BMA B . -3.40 -28.76 -26.75
C3 BMA B . -2.40 -28.94 -27.89
C4 BMA B . -2.14 -27.65 -28.68
C5 BMA B . -1.99 -26.44 -27.76
C6 BMA B . -1.90 -25.12 -28.54
O2 BMA B . -4.71 -28.69 -27.26
O3 BMA B . -2.87 -29.94 -28.77
O4 BMA B . -0.97 -27.81 -29.45
O5 BMA B . -3.08 -26.37 -26.84
O6 BMA B . -3.16 -24.78 -29.08
C1 NAG C . 24.59 7.53 -11.31
C2 NAG C . 25.05 6.23 -11.98
C3 NAG C . 26.41 5.75 -11.48
C4 NAG C . 27.43 6.89 -11.34
C5 NAG C . 26.80 8.11 -10.66
C6 NAG C . 27.76 9.30 -10.63
C7 NAG C . 23.60 4.42 -12.77
C8 NAG C . 24.06 2.98 -12.79
N2 NAG C . 24.07 5.17 -11.78
O3 NAG C . 26.93 4.78 -12.36
O4 NAG C . 28.53 6.43 -10.59
O5 NAG C . 25.62 8.49 -11.34
O6 NAG C . 27.25 10.29 -9.78
O7 NAG C . 22.83 4.83 -13.63
C1 NAG D . 24.99 6.39 14.29
C2 NAG D . 25.56 5.52 15.42
C3 NAG D . 25.93 6.39 16.61
C4 NAG D . 26.89 7.50 16.18
C5 NAG D . 26.37 8.26 14.95
C6 NAG D . 27.46 9.17 14.39
C7 NAG D . 25.02 3.19 15.82
C8 NAG D . 25.18 2.53 17.15
N2 NAG D . 24.64 4.46 15.82
O3 NAG D . 26.53 5.62 17.62
O4 NAG D . 27.08 8.40 17.25
O5 NAG D . 25.96 7.37 13.92
O6 NAG D . 26.93 9.97 13.36
O7 NAG D . 25.22 2.55 14.78
C1 NAG E . -21.89 -7.79 -4.98
C2 NAG E . -23.27 -7.25 -4.61
C3 NAG E . -23.62 -7.49 -3.13
C4 NAG E . -23.24 -8.89 -2.66
C5 NAG E . -21.84 -9.28 -3.12
C6 NAG E . -21.44 -10.71 -2.76
C7 NAG E . -24.51 -5.21 -5.21
C8 NAG E . -24.88 -4.04 -4.35
N2 NAG E . -23.35 -5.82 -4.92
O3 NAG E . -25.00 -7.29 -2.94
O4 NAG E . -23.32 -8.92 -1.25
O5 NAG E . -21.74 -9.13 -4.53
O6 NAG E . -22.51 -11.41 -2.13
O7 NAG E . -25.24 -5.57 -6.13
C1 GOL F . 19.08 -3.66 17.66
O1 GOL F . 18.83 -5.04 17.77
C2 GOL F . 19.75 -3.36 16.32
O2 GOL F . 18.89 -3.78 15.27
C3 GOL F . 20.04 -1.87 16.23
O3 GOL F . 19.74 -1.38 14.94
C1 GOL G . 2.90 -31.01 -1.12
O1 GOL G . 3.02 -30.75 0.26
C2 GOL G . 3.99 -31.98 -1.56
O2 GOL G . 3.59 -33.31 -1.26
C3 GOL G . 4.23 -31.87 -3.06
O3 GOL G . 5.46 -32.47 -3.39
C1 GOL H . 7.65 -26.72 2.73
O1 GOL H . 7.98 -27.81 3.56
C2 GOL H . 8.66 -25.59 2.94
O2 GOL H . 9.44 -25.44 1.77
C3 GOL H . 7.92 -24.28 3.25
O3 GOL H . 8.54 -23.18 2.64
I IOD I . -2.27 0.74 30.50
I IOD J . -0.90 -24.05 -11.79
I IOD K . 5.97 -0.41 -22.97
I IOD L . -10.87 17.28 -13.57
I IOD M . -2.69 -1.42 34.55
I IOD N . 9.33 -19.25 0.57
I IOD O . -7.99 -17.46 -23.52
NA NA P . 3.47 4.30 1.94
#